data_6Y3G
#
_entry.id   6Y3G
#
_cell.length_a   109.618
_cell.length_b   109.618
_cell.length_c   138.518
_cell.angle_alpha   90.000
_cell.angle_beta   90.000
_cell.angle_gamma   120.000
#
_symmetry.space_group_name_H-M   'P 64 2 2'
#
loop_
_entity.id
_entity.type
_entity.pdbx_description
1 polymer 'RNA (75-MER)'
2 non-polymer GUANIDINE
3 non-polymer 'CALCIUM ION'
4 non-polymer GLYCEROL
5 water water
#
_entity_poly.entity_id   1
_entity_poly.type   'polyribonucleotide'
_entity_poly.pdbx_seq_one_letter_code
;GCCCGGA(4SU)AGCUCAG(H2U)CGG(H2U)AGAGCAGGGGA(PSU)UGAAAA(PSU)CCCCGUG(3AU)CCUUGG
(5MU)(PSU)CGAUUCCGAGUCCGGGCACCA
;
_entity_poly.pdbx_strand_id   F
#